data_8UUU
#
_entry.id   8UUU
#
_cell.length_a   115.393
_cell.length_b   115.393
_cell.length_c   220.691
_cell.angle_alpha   90.000
_cell.angle_beta   90.000
_cell.angle_gamma   90.000
#
_symmetry.space_group_name_H-M   'I 41 2 2'
#
loop_
_entity.id
_entity.type
_entity.pdbx_description
1 polymer 'Papain-like protease nsp3'
2 non-polymer N-{(1R)-1-[(3P,5M)-3-[1-(difluoromethyl)-1H-pyrazol-4-yl]-5-(1-methyl-1H-pyrazol-4-yl)phenyl]ethyl}-5-[2-(dimethylamino)ethoxy]-2-methylbenzamide
3 non-polymer 'ACETATE ION'
4 non-polymer 'ZINC ION'
5 non-polymer 'CHLORIDE ION'
6 non-polymer GLYCEROL
7 water water
#
_entity_poly.entity_id   1
_entity_poly.type   'polypeptide(L)'
_entity_poly.pdbx_seq_one_letter_code
;SNAEVRTIKVFTTVDNINLHTQVVDMSMTYGQQFGPTYLDGADVTKIKPHNSHEGKTFYVLPNDDTLRVEAFEYYHTTDP
SFLGRYMSALNHTKKWKYPQVNGLTSIKWADNNCYLATALLTLQQIELKFNPPALQDAYYRARAGEAANFCALILAYCNK
TVGELGDVRETMSYLFQHANLDSCKRVLNVVCKTCGQQQTTLKGVEAVMYMGTLSYEQFKKGVQIPCTCGKQATKYLVQQ
ESPFVMMSAPPAQYELKHGTFTCASEYTGNYQCGHYKHITSKETLYCIDGALLTKSSEYKGPITDVFYKENSYTTTIK
;
_entity_poly.pdbx_strand_id   A
#
loop_
_chem_comp.id
_chem_comp.type
_chem_comp.name
_chem_comp.formula
ACT non-polymer 'ACETATE ION' 'C2 H3 O2 -1'
CL non-polymer 'CHLORIDE ION' 'Cl -1'
GOL non-polymer GLYCEROL 'C3 H8 O3'
XYR non-polymer N-{(1R)-1-[(3P,5M)-3-[1-(difluoromethyl)-1H-pyrazol-4-yl]-5-(1-methyl-1H-pyrazol-4-yl)phenyl]ethyl}-5-[2-(dimethylamino)ethoxy]-2-methylbenzamide 'C28 H32 F2 N6 O2'
ZN non-polymer 'ZINC ION' 'Zn 2'
#
# COMPACT_ATOMS: atom_id res chain seq x y z
N VAL A 10 -21.87 -6.86 -26.72
CA VAL A 10 -21.36 -6.78 -25.36
C VAL A 10 -20.90 -5.37 -25.05
N PHE A 11 -20.25 -5.21 -23.89
CA PHE A 11 -19.74 -3.92 -23.42
C PHE A 11 -18.25 -4.02 -23.13
N THR A 12 -17.52 -3.00 -23.56
CA THR A 12 -16.08 -2.90 -23.29
C THR A 12 -15.79 -1.59 -22.56
N THR A 13 -14.87 -1.65 -21.60
CA THR A 13 -14.50 -0.46 -20.84
C THR A 13 -13.10 -0.66 -20.29
N VAL A 14 -12.57 0.41 -19.70
CA VAL A 14 -11.25 0.36 -19.08
C VAL A 14 -11.37 0.82 -17.63
N ASP A 15 -12.28 1.76 -17.37
CA ASP A 15 -12.46 2.25 -16.01
C ASP A 15 -13.60 1.57 -15.27
N ASN A 16 -14.47 0.84 -15.97
CA ASN A 16 -15.71 0.26 -15.47
C ASN A 16 -16.73 1.32 -15.06
N ILE A 17 -16.41 2.60 -15.20
CA ILE A 17 -17.37 3.66 -14.93
C ILE A 17 -18.16 4.01 -16.18
N ASN A 18 -17.48 4.12 -17.32
CA ASN A 18 -18.11 4.43 -18.60
C ASN A 18 -18.01 3.20 -19.49
N LEU A 19 -19.15 2.72 -19.98
CA LEU A 19 -19.22 1.51 -20.78
C LEU A 19 -19.52 1.84 -22.24
N HIS A 20 -18.97 1.03 -23.14
CA HIS A 20 -19.16 1.19 -24.58
C HIS A 20 -19.66 -0.13 -25.15
N THR A 21 -20.81 -0.08 -25.83
CA THR A 21 -21.50 -1.28 -26.29
C THR A 21 -21.10 -1.59 -27.73
N GLN A 22 -20.75 -2.85 -27.98
CA GLN A 22 -20.37 -3.32 -29.31
C GLN A 22 -20.96 -4.72 -29.51
N VAL A 23 -20.63 -5.35 -30.64
CA VAL A 23 -21.07 -6.70 -30.95
C VAL A 23 -19.88 -7.50 -31.46
N VAL A 24 -19.98 -8.83 -31.33
CA VAL A 24 -18.91 -9.75 -31.69
C VAL A 24 -19.43 -10.81 -32.64
N ASP A 25 -18.58 -11.21 -33.59
CA ASP A 25 -18.86 -12.33 -34.46
C ASP A 25 -18.43 -13.64 -33.80
N MET A 26 -19.29 -14.65 -33.89
CA MET A 26 -19.05 -15.90 -33.17
C MET A 26 -17.80 -16.62 -33.65
N SER A 27 -17.34 -16.36 -34.87
CA SER A 27 -16.24 -17.11 -35.48
C SER A 27 -14.90 -16.38 -35.41
N MET A 28 -14.84 -15.24 -34.73
CA MET A 28 -13.61 -14.46 -34.63
C MET A 28 -13.28 -14.25 -33.16
N THR A 29 -12.07 -14.66 -32.77
CA THR A 29 -11.65 -14.53 -31.38
C THR A 29 -11.63 -13.07 -30.96
N TYR A 30 -11.74 -12.84 -29.64
CA TYR A 30 -11.94 -11.50 -29.11
C TYR A 30 -10.80 -10.56 -29.48
N GLY A 31 -9.58 -11.07 -29.62
CA GLY A 31 -8.44 -10.20 -29.84
C GLY A 31 -8.46 -9.50 -31.18
N GLN A 32 -8.94 -10.19 -32.23
CA GLN A 32 -8.96 -9.59 -33.54
C GLN A 32 -9.97 -8.45 -33.64
N GLN A 33 -11.07 -8.53 -32.88
CA GLN A 33 -12.11 -7.51 -32.96
C GLN A 33 -11.87 -6.35 -31.99
N PHE A 34 -11.38 -6.64 -30.78
CA PHE A 34 -11.21 -5.62 -29.75
C PHE A 34 -9.76 -5.31 -29.44
N GLY A 35 -8.87 -6.28 -29.52
CA GLY A 35 -7.54 -6.16 -28.99
C GLY A 35 -7.41 -7.04 -27.79
N PRO A 36 -6.34 -6.86 -27.00
CA PRO A 36 -6.22 -7.62 -25.74
C PRO A 36 -7.43 -7.37 -24.85
N THR A 37 -8.18 -8.44 -24.60
CA THR A 37 -9.44 -8.37 -23.86
C THR A 37 -9.40 -9.34 -22.68
N TYR A 38 -9.79 -8.86 -21.51
CA TYR A 38 -9.84 -9.65 -20.30
C TYR A 38 -11.26 -9.67 -19.77
N LEU A 39 -11.64 -10.79 -19.17
CA LEU A 39 -12.95 -10.94 -18.53
C LEU A 39 -12.74 -11.55 -17.16
N ASP A 40 -13.13 -10.81 -16.12
CA ASP A 40 -13.05 -11.29 -14.73
C ASP A 40 -11.61 -11.66 -14.37
N GLY A 41 -10.65 -10.93 -14.93
CA GLY A 41 -9.25 -11.18 -14.67
C GLY A 41 -8.63 -12.28 -15.51
N ALA A 42 -9.40 -12.93 -16.38
CA ALA A 42 -8.91 -14.00 -17.23
C ALA A 42 -8.88 -13.53 -18.68
N ASP A 43 -7.75 -13.72 -19.34
CA ASP A 43 -7.58 -13.25 -20.72
C ASP A 43 -8.52 -14.02 -21.64
N VAL A 44 -9.43 -13.31 -22.30
CA VAL A 44 -10.32 -13.91 -23.29
C VAL A 44 -9.88 -13.56 -24.71
N THR A 45 -8.63 -13.10 -24.88
CA THR A 45 -8.13 -12.76 -26.22
C THR A 45 -8.05 -14.00 -27.10
N LYS A 46 -7.47 -15.08 -26.57
CA LYS A 46 -7.39 -16.32 -27.32
C LYS A 46 -8.73 -17.02 -27.42
N ILE A 47 -9.65 -16.74 -26.50
CA ILE A 47 -10.95 -17.42 -26.48
C ILE A 47 -11.86 -16.78 -27.52
N LYS A 48 -12.53 -17.63 -28.31
CA LYS A 48 -13.57 -17.14 -29.20
C LYS A 48 -14.86 -16.90 -28.41
N PRO A 49 -15.69 -15.95 -28.84
CA PRO A 49 -16.93 -15.66 -28.09
C PRO A 49 -17.84 -16.86 -28.00
N HIS A 50 -18.09 -17.31 -26.77
CA HIS A 50 -18.99 -18.44 -26.53
C HIS A 50 -20.43 -18.11 -26.90
N ASN A 51 -20.75 -16.82 -27.03
CA ASN A 51 -22.10 -16.35 -27.31
C ASN A 51 -23.05 -16.67 -26.17
N SER A 52 -22.54 -17.30 -25.11
CA SER A 52 -23.37 -17.56 -23.94
C SER A 52 -23.63 -16.30 -23.14
N HIS A 53 -22.72 -15.33 -23.21
CA HIS A 53 -22.83 -14.07 -22.48
C HIS A 53 -22.98 -12.94 -23.49
N GLU A 54 -24.10 -12.23 -23.41
CA GLU A 54 -24.34 -11.05 -24.24
C GLU A 54 -24.62 -9.86 -23.33
N GLY A 55 -24.00 -8.72 -23.64
CA GLY A 55 -24.08 -7.57 -22.78
C GLY A 55 -23.14 -7.59 -21.60
N LYS A 56 -22.29 -8.60 -21.49
CA LYS A 56 -21.35 -8.68 -20.37
C LYS A 56 -20.22 -7.67 -20.57
N THR A 57 -19.76 -7.09 -19.47
CA THR A 57 -18.75 -6.04 -19.53
C THR A 57 -17.35 -6.65 -19.65
N PHE A 58 -16.53 -6.08 -20.53
CA PHE A 58 -15.19 -6.58 -20.79
C PHE A 58 -14.16 -5.48 -20.58
N TYR A 59 -12.96 -5.88 -20.22
CA TYR A 59 -11.83 -4.98 -20.04
C TYR A 59 -10.93 -5.06 -21.27
N VAL A 60 -10.61 -3.90 -21.85
CA VAL A 60 -9.77 -3.85 -23.03
C VAL A 60 -8.68 -2.82 -22.82
N LEU A 61 -7.51 -3.08 -23.41
CA LEU A 61 -6.44 -2.11 -23.42
C LEU A 61 -6.87 -0.90 -24.26
N PRO A 62 -6.58 0.32 -23.82
CA PRO A 62 -7.10 1.50 -24.53
C PRO A 62 -6.58 1.57 -25.95
N ASN A 63 -7.50 1.75 -26.89
CA ASN A 63 -7.21 1.88 -28.32
C ASN A 63 -7.53 3.26 -28.86
N ASP A 64 -8.72 3.77 -28.58
CA ASP A 64 -9.10 5.12 -28.98
C ASP A 64 -8.31 6.15 -28.17
N ASP A 65 -8.56 7.41 -28.47
CA ASP A 65 -8.06 8.47 -27.59
C ASP A 65 -9.02 8.74 -26.44
N THR A 66 -10.33 8.58 -26.65
CA THR A 66 -11.26 8.68 -25.54
C THR A 66 -11.02 7.58 -24.52
N LEU A 67 -10.58 6.41 -24.97
CA LEU A 67 -10.25 5.33 -24.05
C LEU A 67 -8.96 5.65 -23.29
N ARG A 68 -7.95 6.18 -23.99
CA ARG A 68 -6.71 6.55 -23.30
C ARG A 68 -6.97 7.60 -22.24
N VAL A 69 -7.83 8.57 -22.53
CA VAL A 69 -8.12 9.62 -21.56
C VAL A 69 -8.91 9.07 -20.38
N GLU A 70 -9.89 8.20 -20.66
CA GLU A 70 -10.65 7.58 -19.57
C GLU A 70 -9.75 6.71 -18.70
N ALA A 71 -8.71 6.10 -19.29
CA ALA A 71 -7.84 5.24 -18.50
C ALA A 71 -6.96 6.04 -17.55
N PHE A 72 -6.54 7.23 -17.97
CA PHE A 72 -5.70 8.03 -17.10
C PHE A 72 -6.51 8.63 -15.95
N GLU A 73 -7.73 9.07 -16.25
CA GLU A 73 -8.56 9.71 -15.23
C GLU A 73 -8.92 8.76 -14.11
N TYR A 74 -8.90 7.45 -14.36
CA TYR A 74 -9.22 6.48 -13.33
C TYR A 74 -7.98 5.88 -12.68
N TYR A 75 -6.87 5.79 -13.40
CA TYR A 75 -5.67 5.13 -12.89
C TYR A 75 -4.48 6.05 -12.70
N HIS A 76 -4.41 7.18 -13.41
CA HIS A 76 -3.27 8.09 -13.34
C HIS A 76 -1.99 7.45 -13.84
N THR A 77 -2.06 6.84 -15.03
CA THR A 77 -0.87 6.27 -15.66
C THR A 77 -1.13 6.08 -17.14
N THR A 78 -0.08 6.25 -17.95
CA THR A 78 -0.16 6.01 -19.38
C THR A 78 0.55 4.73 -19.80
N ASP A 79 1.04 3.95 -18.85
CA ASP A 79 1.78 2.73 -19.16
C ASP A 79 0.84 1.71 -19.78
N PRO A 80 1.10 1.24 -21.00
CA PRO A 80 0.21 0.24 -21.59
C PRO A 80 0.26 -1.10 -20.88
N SER A 81 1.38 -1.41 -20.23
CA SER A 81 1.49 -2.68 -19.52
C SER A 81 0.72 -2.69 -18.20
N PHE A 82 0.21 -1.53 -17.76
CA PHE A 82 -0.43 -1.47 -16.45
C PHE A 82 -1.68 -2.33 -16.39
N LEU A 83 -2.53 -2.25 -17.42
CA LEU A 83 -3.79 -3.00 -17.39
C LEU A 83 -3.53 -4.50 -17.35
N GLY A 84 -2.54 -4.97 -18.11
CA GLY A 84 -2.24 -6.40 -18.11
C GLY A 84 -1.69 -6.87 -16.78
N ARG A 85 -0.75 -6.11 -16.20
CA ARG A 85 -0.20 -6.46 -14.90
C ARG A 85 -1.27 -6.44 -13.82
N TYR A 86 -2.28 -5.58 -13.96
CA TYR A 86 -3.35 -5.51 -12.98
C TYR A 86 -4.32 -6.67 -13.13
N MET A 87 -4.69 -7.02 -14.37
CA MET A 87 -5.63 -8.13 -14.56
C MET A 87 -4.99 -9.48 -14.21
N SER A 88 -3.67 -9.61 -14.36
CA SER A 88 -3.03 -10.86 -13.99
C SER A 88 -2.89 -10.99 -12.49
N ALA A 89 -2.76 -9.86 -11.77
CA ALA A 89 -2.74 -9.92 -10.31
C ALA A 89 -4.14 -10.21 -9.76
N LEU A 90 -5.15 -9.56 -10.33
CA LEU A 90 -6.52 -9.81 -9.86
C LEU A 90 -6.91 -11.27 -10.01
N ASN A 91 -6.40 -11.94 -11.04
CA ASN A 91 -6.75 -13.34 -11.27
C ASN A 91 -6.35 -14.22 -10.09
N HIS A 92 -5.30 -13.83 -9.37
CA HIS A 92 -4.89 -14.53 -8.16
C HIS A 92 -5.64 -14.03 -6.94
N THR A 93 -5.75 -12.71 -6.78
CA THR A 93 -6.27 -12.16 -5.54
C THR A 93 -7.76 -12.47 -5.35
N LYS A 94 -8.51 -12.61 -6.44
CA LYS A 94 -9.94 -12.84 -6.30
C LYS A 94 -10.27 -14.23 -5.76
N LYS A 95 -9.30 -15.12 -5.66
CA LYS A 95 -9.53 -16.42 -5.05
C LYS A 95 -8.92 -16.52 -3.65
N TRP A 96 -8.26 -15.47 -3.19
CA TRP A 96 -7.79 -15.41 -1.82
C TRP A 96 -8.97 -15.22 -0.86
N LYS A 97 -8.74 -15.56 0.40
CA LYS A 97 -9.73 -15.36 1.46
C LYS A 97 -9.33 -14.15 2.30
N TYR A 98 -10.31 -13.30 2.60
CA TYR A 98 -10.10 -12.04 3.30
C TYR A 98 -10.90 -12.04 4.59
N PRO A 99 -10.45 -12.76 5.62
CA PRO A 99 -11.20 -12.83 6.87
C PRO A 99 -11.16 -11.51 7.61
N GLN A 100 -12.09 -11.38 8.56
CA GLN A 100 -12.18 -10.20 9.41
C GLN A 100 -11.68 -10.57 10.80
N VAL A 101 -10.58 -9.95 11.22
CA VAL A 101 -9.97 -10.22 12.52
C VAL A 101 -9.94 -8.92 13.31
N ASN A 102 -10.58 -8.92 14.48
CA ASN A 102 -10.57 -7.78 15.40
C ASN A 102 -11.10 -6.52 14.72
N GLY A 103 -12.12 -6.68 13.89
CA GLY A 103 -12.71 -5.55 13.17
C GLY A 103 -11.89 -5.05 11.99
N LEU A 104 -10.82 -5.75 11.62
CA LEU A 104 -9.98 -5.37 10.49
C LEU A 104 -10.02 -6.46 9.44
N THR A 105 -9.87 -6.06 8.18
CA THR A 105 -9.85 -7.00 7.07
C THR A 105 -8.41 -7.46 6.84
N SER A 106 -8.19 -8.77 6.93
CA SER A 106 -6.88 -9.36 6.73
C SER A 106 -6.90 -10.25 5.49
N ILE A 107 -5.86 -11.05 5.32
CA ILE A 107 -5.74 -11.98 4.19
C ILE A 107 -5.24 -13.32 4.71
N LYS A 108 -5.99 -14.38 4.44
CA LYS A 108 -5.49 -15.73 4.70
C LYS A 108 -4.22 -15.95 3.89
N TRP A 109 -3.18 -16.50 4.52
CA TRP A 109 -1.87 -16.53 3.89
C TRP A 109 -1.89 -17.42 2.64
N ALA A 110 -1.33 -16.88 1.56
CA ALA A 110 -1.28 -17.57 0.28
C ALA A 110 -0.34 -16.83 -0.67
N ASP A 111 0.61 -17.54 -1.27
CA ASP A 111 1.48 -17.00 -2.32
C ASP A 111 2.35 -15.86 -1.80
N ASN A 112 2.83 -16.00 -0.56
CA ASN A 112 3.75 -15.06 0.06
C ASN A 112 3.16 -13.65 0.12
N ASN A 113 1.92 -13.56 0.58
CA ASN A 113 1.24 -12.26 0.67
C ASN A 113 1.34 -11.67 2.07
N CYS A 114 2.26 -12.17 2.89
CA CYS A 114 2.40 -11.69 4.27
C CYS A 114 2.66 -10.19 4.31
N TYR A 115 3.46 -9.68 3.39
CA TYR A 115 3.72 -8.25 3.35
C TYR A 115 2.48 -7.47 2.90
N LEU A 116 1.64 -8.09 2.06
CA LEU A 116 0.43 -7.41 1.61
C LEU A 116 -0.59 -7.31 2.74
N ALA A 117 -0.67 -8.34 3.58
CA ALA A 117 -1.63 -8.34 4.67
C ALA A 117 -1.29 -7.27 5.71
N THR A 118 -0.01 -7.19 6.09
CA THR A 118 0.41 -6.17 7.05
C THR A 118 0.16 -4.77 6.52
N ALA A 119 0.38 -4.55 5.23
CA ALA A 119 0.09 -3.26 4.64
C ALA A 119 -1.40 -2.96 4.67
N LEU A 120 -2.21 -3.97 4.33
CA LEU A 120 -3.66 -3.78 4.31
C LEU A 120 -4.18 -3.44 5.70
N LEU A 121 -3.68 -4.13 6.72
CA LEU A 121 -4.09 -3.84 8.09
C LEU A 121 -3.60 -2.47 8.54
N THR A 122 -2.42 -2.07 8.08
CA THR A 122 -1.89 -0.76 8.48
C THR A 122 -2.68 0.37 7.82
N LEU A 123 -3.05 0.19 6.55
CA LEU A 123 -3.78 1.23 5.85
C LEU A 123 -5.17 1.46 6.44
N GLN A 124 -5.76 0.43 7.05
CA GLN A 124 -7.05 0.59 7.70
C GLN A 124 -6.94 1.33 9.03
N GLN A 125 -5.73 1.64 9.50
CA GLN A 125 -5.53 2.31 10.77
C GLN A 125 -4.93 3.70 10.67
N ILE A 126 -4.43 4.13 9.52
CA ILE A 126 -3.92 5.48 9.34
C ILE A 126 -4.83 6.24 8.38
N GLU A 127 -4.76 7.58 8.47
CA GLU A 127 -5.56 8.46 7.64
C GLU A 127 -4.85 8.71 6.31
N LEU A 128 -5.49 8.33 5.21
CA LEU A 128 -4.85 8.40 3.90
C LEU A 128 -5.91 8.64 2.83
N LYS A 129 -5.55 9.42 1.82
CA LYS A 129 -6.42 9.71 0.68
C LYS A 129 -5.64 9.50 -0.61
N PHE A 130 -6.12 8.59 -1.46
CA PHE A 130 -5.41 8.24 -2.68
C PHE A 130 -5.85 9.12 -3.85
N ASN A 131 -4.88 9.54 -4.66
CA ASN A 131 -5.13 10.42 -5.80
C ASN A 131 -5.80 9.69 -6.97
N PRO A 132 -5.32 8.50 -7.37
CA PRO A 132 -6.04 7.75 -8.41
C PRO A 132 -7.39 7.30 -7.93
N PRO A 133 -8.46 7.65 -8.64
CA PRO A 133 -9.80 7.22 -8.22
C PRO A 133 -9.94 5.72 -8.06
N ALA A 134 -9.26 4.93 -8.91
CA ALA A 134 -9.36 3.49 -8.78
C ALA A 134 -8.80 3.01 -7.45
N LEU A 135 -7.75 3.67 -6.96
CA LEU A 135 -7.19 3.30 -5.67
C LEU A 135 -8.13 3.66 -4.53
N GLN A 136 -8.65 4.88 -4.54
CA GLN A 136 -9.56 5.31 -3.48
C GLN A 136 -10.82 4.44 -3.45
N ASP A 137 -11.37 4.14 -4.63
CA ASP A 137 -12.60 3.35 -4.68
C ASP A 137 -12.38 1.95 -4.11
N ALA A 138 -11.23 1.35 -4.44
CA ALA A 138 -10.93 0.02 -3.91
C ALA A 138 -10.54 0.09 -2.44
N TYR A 139 -9.93 1.20 -2.02
CA TYR A 139 -9.65 1.42 -0.61
C TYR A 139 -10.94 1.36 0.22
N TYR A 140 -11.99 2.02 -0.26
CA TYR A 140 -13.27 1.97 0.43
C TYR A 140 -13.83 0.55 0.43
N ARG A 141 -13.81 -0.13 -0.73
CA ARG A 141 -14.33 -1.48 -0.80
C ARG A 141 -13.55 -2.43 0.09
N ALA A 142 -12.25 -2.17 0.29
CA ALA A 142 -11.44 -3.03 1.12
C ALA A 142 -11.82 -2.90 2.59
N ARG A 143 -12.09 -1.67 3.03
CA ARG A 143 -12.51 -1.46 4.41
C ARG A 143 -13.78 -2.25 4.73
N ALA A 144 -14.69 -2.35 3.77
CA ALA A 144 -15.93 -3.11 3.99
C ALA A 144 -15.66 -4.60 4.12
N GLY A 145 -14.73 -5.12 3.32
CA GLY A 145 -14.39 -6.52 3.43
C GLY A 145 -14.11 -7.19 2.11
N GLU A 146 -14.09 -6.41 1.03
CA GLU A 146 -13.81 -6.90 -0.32
C GLU A 146 -12.56 -6.19 -0.84
N ALA A 147 -11.41 -6.85 -0.73
CA ALA A 147 -10.13 -6.21 -1.00
C ALA A 147 -9.37 -6.87 -2.14
N ALA A 148 -10.05 -7.69 -2.96
CA ALA A 148 -9.34 -8.34 -4.06
C ALA A 148 -8.82 -7.31 -5.06
N ASN A 149 -9.65 -6.34 -5.43
CA ASN A 149 -9.20 -5.32 -6.37
C ASN A 149 -8.16 -4.41 -5.74
N PHE A 150 -8.27 -4.15 -4.44
CA PHE A 150 -7.31 -3.27 -3.78
C PHE A 150 -5.92 -3.90 -3.75
N CYS A 151 -5.83 -5.19 -3.38
CA CYS A 151 -4.52 -5.85 -3.36
C CYS A 151 -3.93 -5.98 -4.75
N ALA A 152 -4.77 -6.24 -5.76
CA ALA A 152 -4.27 -6.32 -7.13
C ALA A 152 -3.72 -4.97 -7.58
N LEU A 153 -4.42 -3.88 -7.27
CA LEU A 153 -3.95 -2.56 -7.66
C LEU A 153 -2.65 -2.21 -6.96
N ILE A 154 -2.50 -2.61 -5.70
CA ILE A 154 -1.27 -2.37 -4.96
C ILE A 154 -0.10 -3.03 -5.67
N LEU A 155 -0.28 -4.28 -6.11
CA LEU A 155 0.77 -4.98 -6.84
C LEU A 155 1.09 -4.27 -8.14
N ALA A 156 0.07 -3.85 -8.89
CA ALA A 156 0.32 -3.23 -10.19
C ALA A 156 1.01 -1.88 -10.04
N TYR A 157 0.65 -1.10 -9.02
CA TYR A 157 1.28 0.19 -8.85
C TYR A 157 2.71 0.08 -8.35
N CYS A 158 3.01 -0.98 -7.59
CA CYS A 158 4.37 -1.24 -7.14
C CYS A 158 5.19 -2.06 -8.13
N ASN A 159 4.59 -2.43 -9.26
CA ASN A 159 5.26 -3.24 -10.29
C ASN A 159 5.78 -4.55 -9.68
N LYS A 160 5.00 -5.13 -8.79
CA LYS A 160 5.29 -6.42 -8.18
C LYS A 160 4.32 -7.48 -8.69
N THR A 161 4.71 -8.73 -8.56
CA THR A 161 3.93 -9.87 -9.02
C THR A 161 3.51 -10.74 -7.84
N VAL A 162 2.46 -11.53 -8.04
CA VAL A 162 2.09 -12.54 -7.07
C VAL A 162 3.24 -13.52 -6.87
N GLY A 163 3.45 -13.92 -5.60
CA GLY A 163 4.56 -14.77 -5.20
C GLY A 163 5.87 -14.04 -4.97
N GLU A 164 6.08 -12.91 -5.65
CA GLU A 164 7.29 -12.14 -5.45
C GLU A 164 7.39 -11.66 -4.00
N LEU A 165 8.62 -11.57 -3.49
CA LEU A 165 8.86 -11.18 -2.11
C LEU A 165 8.83 -9.67 -1.96
N GLY A 166 8.06 -9.17 -0.99
CA GLY A 166 7.82 -7.75 -0.84
C GLY A 166 8.21 -7.25 0.53
N ASP A 167 8.62 -5.98 0.59
CA ASP A 167 8.98 -5.29 1.82
C ASP A 167 7.89 -4.29 2.14
N VAL A 168 7.45 -4.27 3.41
CA VAL A 168 6.32 -3.44 3.78
C VAL A 168 6.67 -1.95 3.65
N ARG A 169 7.84 -1.56 4.14
CA ARG A 169 8.23 -0.16 4.06
C ARG A 169 8.30 0.32 2.61
N GLU A 170 8.81 -0.52 1.71
CA GLU A 170 8.89 -0.14 0.30
C GLU A 170 7.50 -0.08 -0.33
N THR A 171 6.61 -0.98 0.04
CA THR A 171 5.24 -0.95 -0.48
C THR A 171 4.50 0.29 0.00
N MET A 172 4.66 0.64 1.27
CA MET A 172 3.99 1.83 1.80
C MET A 172 4.49 3.09 1.11
N SER A 173 5.80 3.17 0.87
CA SER A 173 6.34 4.38 0.24
C SER A 173 5.85 4.54 -1.18
N TYR A 174 5.71 3.43 -1.91
CA TYR A 174 5.11 3.51 -3.23
C TYR A 174 3.67 3.99 -3.15
N LEU A 175 2.93 3.50 -2.17
CA LEU A 175 1.54 3.92 -2.01
C LEU A 175 1.46 5.37 -1.55
N PHE A 176 2.40 5.80 -0.72
CA PHE A 176 2.38 7.19 -0.25
C PHE A 176 2.59 8.17 -1.39
N GLN A 177 3.37 7.79 -2.40
CA GLN A 177 3.62 8.67 -3.53
C GLN A 177 2.40 8.83 -4.42
N HIS A 178 1.39 7.96 -4.27
CA HIS A 178 0.14 8.11 -4.99
C HIS A 178 -0.98 8.63 -4.10
N ALA A 179 -0.65 9.16 -2.93
CA ALA A 179 -1.63 9.72 -2.02
C ALA A 179 -1.37 11.21 -1.82
N ASN A 180 -2.40 11.92 -1.35
CA ASN A 180 -2.31 13.36 -1.15
C ASN A 180 -1.64 13.61 0.20
N LEU A 181 -0.31 13.68 0.19
CA LEU A 181 0.45 14.08 1.35
C LEU A 181 1.00 15.49 1.21
N ASP A 182 0.34 16.33 0.41
CA ASP A 182 0.84 17.68 0.16
C ASP A 182 0.76 18.55 1.41
N SER A 183 -0.23 18.30 2.26
CA SER A 183 -0.37 19.09 3.49
C SER A 183 0.69 18.75 4.52
N CYS A 184 1.36 17.60 4.39
CA CYS A 184 2.32 17.18 5.41
C CYS A 184 3.60 17.99 5.33
N LYS A 185 4.25 18.17 6.48
CA LYS A 185 5.47 18.93 6.55
C LYS A 185 6.29 18.46 7.75
N ARG A 186 7.60 18.33 7.54
CA ARG A 186 8.52 17.99 8.61
C ARG A 186 9.70 18.95 8.55
N VAL A 187 9.92 19.69 9.63
CA VAL A 187 11.02 20.64 9.73
C VAL A 187 12.10 20.02 10.60
N LEU A 188 13.29 19.81 10.03
CA LEU A 188 14.40 19.23 10.75
C LEU A 188 15.47 20.28 11.01
N ASN A 189 16.36 19.96 11.94
CA ASN A 189 17.48 20.84 12.27
C ASN A 189 18.62 19.98 12.79
N VAL A 190 19.78 20.07 12.13
CA VAL A 190 20.98 19.35 12.56
C VAL A 190 22.02 20.39 12.95
N VAL A 191 22.72 20.12 14.05
CA VAL A 191 23.71 21.05 14.60
C VAL A 191 25.04 20.32 14.72
N CYS A 192 26.09 20.93 14.18
CA CYS A 192 27.47 20.45 14.32
C CYS A 192 28.31 21.58 14.88
N LYS A 193 29.14 21.26 15.86
CA LYS A 193 29.96 22.28 16.52
C LYS A 193 30.89 22.98 15.54
N THR A 194 31.28 22.30 14.46
CA THR A 194 32.16 22.90 13.46
C THR A 194 31.35 23.64 12.40
N CYS A 195 30.44 22.95 11.71
CA CYS A 195 29.70 23.56 10.62
C CYS A 195 28.59 24.48 11.10
N GLY A 196 28.20 24.40 12.37
CA GLY A 196 27.15 25.27 12.89
C GLY A 196 25.80 24.60 12.97
N GLN A 197 24.76 25.30 12.55
CA GLN A 197 23.39 24.83 12.62
C GLN A 197 22.70 25.06 11.29
N GLN A 198 22.15 23.99 10.71
CA GLN A 198 21.46 24.05 9.42
C GLN A 198 20.06 23.46 9.57
N GLN A 199 19.06 24.18 9.06
CA GLN A 199 17.66 23.81 9.18
C GLN A 199 17.13 23.37 7.82
N THR A 200 16.68 22.13 7.73
CA THR A 200 16.11 21.58 6.51
C THR A 200 14.61 21.37 6.69
N THR A 201 13.88 21.44 5.57
CA THR A 201 12.43 21.35 5.59
C THR A 201 11.98 20.33 4.54
N LEU A 202 11.45 19.21 5.00
CA LEU A 202 10.93 18.17 4.12
C LEU A 202 9.43 18.31 3.96
N LYS A 203 8.91 17.70 2.90
CA LYS A 203 7.50 17.78 2.58
C LYS A 203 7.10 16.61 1.72
N GLY A 204 5.92 16.07 1.97
CA GLY A 204 5.40 14.99 1.16
C GLY A 204 5.71 13.64 1.79
N VAL A 205 6.16 12.68 0.99
CA VAL A 205 6.45 11.36 1.50
C VAL A 205 7.61 11.42 2.49
N GLU A 206 8.64 12.22 2.20
CA GLU A 206 9.80 12.33 3.08
C GLU A 206 9.46 12.97 4.42
N ALA A 207 8.28 13.56 4.56
CA ALA A 207 7.88 14.17 5.82
C ALA A 207 7.25 13.18 6.80
N VAL A 208 6.77 12.03 6.32
CA VAL A 208 6.10 11.06 7.14
C VAL A 208 6.92 9.80 7.36
N MET A 209 8.08 9.68 6.72
CA MET A 209 8.89 8.48 6.83
C MET A 209 10.30 8.83 7.28
N TYR A 210 10.85 8.00 8.15
CA TYR A 210 12.26 8.09 8.51
C TYR A 210 12.82 6.69 8.73
N MET A 211 14.05 6.47 8.26
CA MET A 211 14.76 5.22 8.42
C MET A 211 15.91 5.43 9.40
N GLY A 212 15.94 4.63 10.47
CA GLY A 212 16.98 4.76 11.47
C GLY A 212 16.58 4.29 12.85
N THR A 213 15.44 4.75 13.35
CA THR A 213 14.95 4.34 14.66
C THR A 213 13.47 4.02 14.57
N LEU A 214 13.01 3.19 15.50
CA LEU A 214 11.60 2.88 15.66
C LEU A 214 10.90 3.79 16.67
N SER A 215 11.65 4.57 17.45
CA SER A 215 11.12 5.36 18.54
C SER A 215 10.85 6.78 18.07
N TYR A 216 9.58 7.20 18.07
CA TYR A 216 9.26 8.58 17.77
C TYR A 216 9.85 9.52 18.80
N GLU A 217 9.93 9.09 20.05
CA GLU A 217 10.56 9.92 21.08
C GLU A 217 12.02 10.16 20.77
N GLN A 218 12.77 9.10 20.46
CA GLN A 218 14.19 9.22 20.19
C GLN A 218 14.44 10.10 18.96
N PHE A 219 13.52 10.10 18.00
CA PHE A 219 13.65 11.00 16.86
C PHE A 219 13.40 12.45 17.28
N LYS A 220 12.47 12.65 18.22
CA LYS A 220 12.26 13.98 18.77
C LYS A 220 13.39 14.37 19.72
N LYS A 221 14.00 13.39 20.38
CA LYS A 221 15.11 13.66 21.28
C LYS A 221 16.37 14.01 20.49
N GLY A 222 16.78 13.12 19.58
CA GLY A 222 17.94 13.38 18.76
C GLY A 222 18.65 12.12 18.29
N VAL A 223 18.78 11.97 16.97
CA VAL A 223 19.48 10.83 16.38
C VAL A 223 20.79 11.34 15.81
N GLN A 224 21.79 10.46 15.75
CA GLN A 224 23.14 10.82 15.37
C GLN A 224 23.36 10.51 13.88
N ILE A 225 23.52 11.55 13.08
CA ILE A 225 23.84 11.39 11.66
C ILE A 225 25.16 12.09 11.38
N PRO A 226 26.01 11.54 10.51
CA PRO A 226 27.31 12.18 10.25
C PRO A 226 27.15 13.47 9.44
N CYS A 227 28.09 14.38 9.64
CA CYS A 227 28.13 15.65 8.93
C CYS A 227 29.37 15.74 8.06
N THR A 228 29.31 16.62 7.07
CA THR A 228 30.41 16.82 6.14
C THR A 228 31.71 17.24 6.84
N GLN A 232 30.23 13.56 14.68
CA GLN A 232 28.91 13.32 14.10
C GLN A 232 27.87 14.30 14.63
N ALA A 233 27.12 14.91 13.71
CA ALA A 233 26.06 15.83 14.10
C ALA A 233 24.87 15.08 14.69
N THR A 234 23.94 15.84 15.25
CA THR A 234 22.74 15.28 15.85
C THR A 234 21.53 15.80 15.09
N LYS A 235 20.58 14.91 14.79
CA LYS A 235 19.35 15.26 14.10
C LYS A 235 18.18 15.08 15.05
N TYR A 236 17.33 16.11 15.15
CA TYR A 236 16.14 16.06 15.97
C TYR A 236 14.99 16.75 15.24
N LEU A 237 13.78 16.28 15.52
CA LEU A 237 12.59 16.85 14.92
C LEU A 237 12.26 18.20 15.54
N VAL A 238 11.82 19.13 14.71
CA VAL A 238 11.46 20.47 15.14
C VAL A 238 9.96 20.73 15.01
N GLN A 239 9.37 20.31 13.88
CA GLN A 239 7.95 20.50 13.68
C GLN A 239 7.43 19.41 12.75
N GLN A 240 6.26 18.86 13.08
CA GLN A 240 5.66 17.79 12.30
C GLN A 240 4.18 18.09 12.13
N GLU A 241 3.76 18.28 10.88
CA GLU A 241 2.35 18.56 10.55
C GLU A 241 1.85 17.45 9.64
N SER A 242 1.67 16.25 10.21
CA SER A 242 1.22 15.10 9.44
C SER A 242 0.19 14.32 10.24
N PRO A 243 -0.76 13.67 9.56
CA PRO A 243 -1.72 12.82 10.28
C PRO A 243 -1.09 11.60 10.93
N PHE A 244 0.09 11.18 10.49
CA PHE A 244 0.77 10.03 11.06
C PHE A 244 2.26 10.16 10.79
N VAL A 245 3.02 9.24 11.37
CA VAL A 245 4.46 9.15 11.15
C VAL A 245 4.85 7.68 11.09
N MET A 246 5.65 7.29 10.10
CA MET A 246 6.18 5.94 9.99
C MET A 246 7.63 5.96 10.41
N MET A 247 7.96 5.15 11.42
CA MET A 247 9.32 5.01 11.92
C MET A 247 9.85 3.65 11.49
N SER A 248 10.86 3.64 10.65
CA SER A 248 11.43 2.41 10.11
C SER A 248 12.86 2.22 10.58
N ALA A 249 13.26 0.96 10.73
CA ALA A 249 14.59 0.61 11.16
C ALA A 249 14.84 -0.85 10.80
N PRO A 250 16.09 -1.25 10.60
CA PRO A 250 16.36 -2.65 10.30
C PRO A 250 15.86 -3.54 11.40
N PRO A 251 15.45 -4.77 11.08
CA PRO A 251 14.80 -5.62 12.07
C PRO A 251 15.69 -5.87 13.28
N ALA A 252 15.15 -5.60 14.46
CA ALA A 252 15.87 -5.84 15.71
C ALA A 252 14.84 -6.04 16.81
N GLN A 253 15.33 -6.46 17.98
CA GLN A 253 14.46 -6.68 19.12
C GLN A 253 13.95 -5.35 19.68
N TYR A 254 12.66 -5.31 20.02
CA TYR A 254 12.02 -4.10 20.49
C TYR A 254 10.85 -4.48 21.38
N GLU A 255 10.64 -3.70 22.44
CA GLU A 255 9.54 -3.93 23.36
C GLU A 255 8.43 -2.94 23.03
N LEU A 256 7.29 -3.46 22.57
CA LEU A 256 6.13 -2.65 22.27
C LEU A 256 5.28 -2.52 23.53
N LYS A 257 5.00 -1.28 23.94
CA LYS A 257 4.22 -1.00 25.13
C LYS A 257 2.81 -0.60 24.74
N HIS A 258 1.82 -1.20 25.41
CA HIS A 258 0.41 -0.97 25.08
C HIS A 258 0.04 0.49 25.27
N GLY A 259 -0.42 1.13 24.19
CA GLY A 259 -0.88 2.50 24.24
C GLY A 259 0.11 3.55 23.81
N THR A 260 1.33 3.17 23.42
CA THR A 260 2.35 4.12 23.02
C THR A 260 2.56 4.17 21.51
N PHE A 261 1.71 3.50 20.74
CA PHE A 261 1.84 3.44 19.29
C PHE A 261 0.51 2.99 18.71
N THR A 262 0.40 3.06 17.39
CA THR A 262 -0.82 2.62 16.71
C THR A 262 -0.70 1.18 16.24
N CYS A 263 0.24 0.91 15.35
CA CYS A 263 0.47 -0.45 14.87
C CYS A 263 1.92 -0.59 14.47
N ALA A 264 2.38 -1.84 14.42
CA ALA A 264 3.77 -2.14 14.08
C ALA A 264 3.81 -3.37 13.20
N SER A 265 4.92 -3.50 12.46
CA SER A 265 5.16 -4.64 11.59
C SER A 265 6.37 -5.41 12.09
N GLU A 266 6.18 -6.70 12.34
CA GLU A 266 7.24 -7.58 12.81
C GLU A 266 7.75 -8.45 11.67
N TYR A 267 9.07 -8.54 11.53
CA TYR A 267 9.71 -9.33 10.49
C TYR A 267 10.60 -10.36 11.13
N THR A 268 10.27 -11.64 10.97
CA THR A 268 11.01 -12.74 11.60
C THR A 268 11.51 -13.70 10.52
N GLY A 269 12.81 -13.73 10.31
CA GLY A 269 13.41 -14.65 9.36
C GLY A 269 14.63 -14.05 8.68
N ASN A 270 15.07 -14.75 7.64
CA ASN A 270 16.22 -14.29 6.87
C ASN A 270 15.83 -13.18 5.91
N TYR A 271 16.83 -12.42 5.49
CA TYR A 271 16.62 -11.30 4.59
C TYR A 271 15.87 -11.76 3.34
N GLN A 272 14.72 -11.13 3.10
CA GLN A 272 13.86 -11.33 1.94
C GLN A 272 13.00 -12.59 2.02
N CYS A 273 13.40 -13.60 2.80
CA CYS A 273 12.55 -14.78 2.98
C CYS A 273 11.97 -14.89 4.38
N GLY A 274 12.02 -13.81 5.16
CA GLY A 274 11.33 -13.79 6.43
C GLY A 274 9.84 -13.55 6.27
N HIS A 275 9.12 -13.75 7.37
CA HIS A 275 7.67 -13.65 7.39
C HIS A 275 7.24 -12.43 8.20
N TYR A 276 6.34 -11.62 7.63
CA TYR A 276 5.81 -10.43 8.28
C TYR A 276 4.63 -10.81 9.17
N LYS A 277 4.55 -10.18 10.35
CA LYS A 277 3.39 -10.26 11.22
C LYS A 277 3.05 -8.86 11.72
N HIS A 278 1.76 -8.63 11.97
CA HIS A 278 1.24 -7.30 12.30
C HIS A 278 0.81 -7.24 13.77
N ILE A 279 1.24 -6.18 14.46
CA ILE A 279 0.87 -5.94 15.85
C ILE A 279 0.16 -4.59 15.92
N THR A 280 -0.98 -4.56 16.61
CA THR A 280 -1.76 -3.35 16.78
C THR A 280 -2.14 -3.18 18.24
N SER A 281 -2.25 -1.93 18.67
CA SER A 281 -2.51 -1.59 20.06
C SER A 281 -3.97 -1.14 20.22
N LYS A 282 -4.76 -1.97 20.89
CA LYS A 282 -6.14 -1.63 21.22
C LYS A 282 -6.28 -1.50 22.73
N GLU A 283 -7.34 -2.08 23.31
CA GLU A 283 -7.42 -2.15 24.76
C GLU A 283 -6.31 -3.02 25.33
N THR A 284 -5.76 -3.91 24.51
CA THR A 284 -4.54 -4.64 24.81
C THR A 284 -3.79 -4.80 23.49
N LEU A 285 -2.71 -5.57 23.49
CA LEU A 285 -1.91 -5.78 22.29
C LEU A 285 -2.43 -6.99 21.52
N TYR A 286 -2.64 -6.82 20.23
CA TYR A 286 -3.11 -7.87 19.35
C TYR A 286 -2.05 -8.18 18.29
N CYS A 287 -1.98 -9.44 17.90
CA CYS A 287 -1.03 -9.92 16.90
C CYS A 287 -1.80 -10.68 15.82
N ILE A 288 -1.72 -10.20 14.58
CA ILE A 288 -2.47 -10.75 13.46
C ILE A 288 -1.50 -11.36 12.47
N ASP A 289 -1.62 -12.67 12.25
CA ASP A 289 -0.82 -13.41 11.27
C ASP A 289 -1.79 -14.02 10.26
N GLY A 290 -2.24 -13.21 9.31
CA GLY A 290 -3.18 -13.68 8.32
C GLY A 290 -4.56 -13.88 8.89
N ALA A 291 -4.95 -15.13 9.10
CA ALA A 291 -6.24 -15.46 9.67
C ALA A 291 -6.19 -15.68 11.18
N LEU A 292 -5.00 -15.72 11.76
CA LEU A 292 -4.81 -16.03 13.17
C LEU A 292 -4.69 -14.76 13.98
N LEU A 293 -5.05 -14.85 15.26
CA LEU A 293 -5.05 -13.70 16.15
C LEU A 293 -4.49 -14.11 17.51
N THR A 294 -3.66 -13.23 18.08
CA THR A 294 -2.98 -13.50 19.34
C THR A 294 -3.01 -12.25 20.20
N LYS A 295 -3.28 -12.44 21.49
CA LYS A 295 -3.48 -11.36 22.44
C LYS A 295 -2.46 -11.46 23.57
N SER A 296 -1.91 -10.31 23.99
CA SER A 296 -1.01 -10.26 25.13
C SER A 296 -1.00 -8.84 25.69
N SER A 297 -0.42 -8.69 26.88
CA SER A 297 -0.40 -7.38 27.54
C SER A 297 0.78 -6.54 27.07
N GLU A 298 1.93 -7.18 26.85
CA GLU A 298 3.10 -6.51 26.33
C GLU A 298 3.75 -7.41 25.29
N TYR A 299 4.53 -6.78 24.40
CA TYR A 299 5.13 -7.48 23.29
C TYR A 299 6.61 -7.16 23.20
N LYS A 300 7.42 -8.19 22.95
CA LYS A 300 8.83 -8.02 22.66
C LYS A 300 9.19 -8.99 21.53
N GLY A 301 9.77 -8.45 20.46
CA GLY A 301 10.11 -9.24 19.31
C GLY A 301 10.82 -8.43 18.23
N PRO A 302 11.08 -9.06 17.09
CA PRO A 302 11.78 -8.35 16.00
C PRO A 302 10.88 -7.38 15.26
N ILE A 303 11.10 -6.09 15.46
CA ILE A 303 10.24 -5.05 14.89
C ILE A 303 11.05 -4.23 13.90
N THR A 304 10.45 -3.93 12.75
CA THR A 304 11.11 -3.15 11.71
C THR A 304 10.39 -1.85 11.35
N ASP A 305 9.09 -1.74 11.61
CA ASP A 305 8.34 -0.52 11.37
C ASP A 305 7.34 -0.30 12.50
N VAL A 306 7.21 0.95 12.93
CA VAL A 306 6.22 1.35 13.92
C VAL A 306 5.50 2.59 13.42
N PHE A 307 4.17 2.59 13.56
CA PHE A 307 3.33 3.70 13.13
C PHE A 307 2.81 4.46 14.33
N TYR A 308 2.90 5.79 14.28
CA TYR A 308 2.45 6.67 15.35
C TYR A 308 1.43 7.67 14.81
N LYS A 309 0.52 8.09 15.68
CA LYS A 309 -0.46 9.11 15.32
C LYS A 309 0.07 10.49 15.68
N GLU A 310 -0.36 11.48 14.90
CA GLU A 310 0.16 12.84 15.03
C GLU A 310 -0.84 13.79 14.37
N ASN A 311 -0.87 15.03 14.86
CA ASN A 311 -1.63 16.09 14.20
C ASN A 311 -0.73 17.31 14.00
N SER A 312 -0.13 17.80 15.08
CA SER A 312 0.78 18.93 15.00
C SER A 312 1.75 18.87 16.17
N TYR A 313 3.02 19.15 15.88
CA TYR A 313 4.08 19.09 16.88
C TYR A 313 5.04 20.25 16.67
N THR A 314 5.52 20.82 17.77
CA THR A 314 6.51 21.88 17.74
C THR A 314 7.51 21.63 18.85
N THR A 315 8.79 21.66 18.51
CA THR A 315 9.83 21.32 19.48
C THR A 315 9.92 22.35 20.59
N THR A 316 10.51 21.93 21.71
CA THR A 316 10.78 22.80 22.84
C THR A 316 12.26 22.74 23.17
N ILE A 317 12.88 23.91 23.32
CA ILE A 317 14.31 24.03 23.57
C ILE A 317 15.12 23.32 22.49
C1 XYR B . 10.98 -9.38 2.74
C2 XYR B . 11.74 -8.47 1.81
C3 XYR B . 12.82 -7.67 2.24
C4 XYR B . 13.28 -7.71 3.67
C6 XYR B . 13.26 -6.62 5.86
C9 XYR B . 15.32 -5.11 5.89
C10 XYR B . 16.66 -4.90 6.18
C11 XYR B . 17.28 -3.58 5.90
C12 XYR B . 16.73 -2.54 5.19
C14 XYR B . 17.53 -0.26 4.57
N17 XYR B . 18.77 -1.86 5.87
C20 XYR B . 16.86 -7.19 6.92
C18 XYR B . 18.54 -3.09 6.30
C19 XYR B . 17.43 -5.93 6.70
C21 XYR B . 17.68 -8.30 7.43
C22 XYR B . 17.27 -9.57 7.74
C24 XYR B . 18.40 -11.66 8.57
C26 XYR B . 19.07 -8.34 7.67
C27 XYR B . 15.51 -7.38 6.64
C29 XYR B . 13.50 -6.85 1.33
C30 XYR B . 13.10 -6.81 0.00
C32 XYR B . 14.84 -5.23 -0.50
C33 XYR B . 15.49 -4.72 -1.75
C35 XYR B . 14.02 -3.92 -3.56
C36 XYR B . 15.73 -2.43 -2.62
C37 XYR B . 12.03 -7.58 -0.44
C38 XYR B . 11.37 -8.39 0.46
C7 XYR B . 12.36 -5.58 6.53
C8 XYR B . 14.73 -6.35 6.12
F15 XYR B . 17.37 -0.41 3.24
F16 XYR B . 18.70 0.40 4.72
N13 XYR B . 17.64 -1.54 5.20
N23 XYR B . 18.34 -10.27 8.13
N25 XYR B . 19.48 -9.53 8.09
N34 XYR B . 14.79 -3.54 -2.34
N5 XYR B . 12.93 -6.67 4.43
O28 XYR B . 13.93 -8.66 4.10
O31 XYR B . 13.73 -6.03 -0.93
C ACT C . 10.42 -7.38 -10.29
O ACT C . 10.85 -8.54 -10.03
OXT ACT C . 9.49 -7.04 -11.07
CH3 ACT C . 11.10 -6.19 -9.53
ZN ZN D . 5.26 -14.62 4.09
ZN ZN E . -2.02 11.11 -10.00
ZN ZN F . 30.16 19.56 9.91
ZN ZN G . -1.82 -17.75 -6.84
ZN ZN H . -4.05 -18.42 -6.84
ZN ZN I . -16.99 6.74 -22.98
CL CL J . 0.25 6.80 18.52
CL CL K . -1.07 9.70 -8.51
CL CL L . -0.54 11.38 -11.59
C1 GOL M . 3.34 -19.69 7.43
O1 GOL M . 4.29 -19.53 6.42
C2 GOL M . 4.04 -19.33 8.76
O2 GOL M . 4.40 -17.99 8.82
C3 GOL M . 3.03 -19.68 9.88
O3 GOL M . 2.06 -18.68 9.86
C1 GOL N . 11.31 -4.84 31.17
O1 GOL N . 11.37 -5.37 29.89
C2 GOL N . 9.82 -4.63 31.52
O2 GOL N . 9.25 -3.60 30.76
C3 GOL N . 9.15 -6.00 31.23
O3 GOL N . 7.81 -5.88 31.59
#